data_6VRY
#
_entry.id   6VRY
#
_cell.length_a   65.760
_cell.length_b   72.087
_cell.length_c   100.833
_cell.angle_alpha   90.00
_cell.angle_beta   90.00
_cell.angle_gamma   90.00
#
_symmetry.space_group_name_H-M   'P 21 21 21'
#
loop_
_entity.id
_entity.type
_entity.pdbx_description
1 polymer 'NCI09 light chain'
2 polymer 'SIV V2 peptide'
3 polymer 'NCI09 heavy chain'
4 branched beta-D-mannopyranose-(1-4)-2-acetamido-2-deoxy-beta-D-glucopyranose-(1-4)-[alpha-L-fucopyranose-(1-6)]2-acetamido-2-deoxy-beta-D-glucopyranose
5 water water
#
loop_
_entity_poly.entity_id
_entity_poly.type
_entity_poly.pdbx_seq_one_letter_code
_entity_poly.pdbx_strand_id
1 'polypeptide(L)'
;EIVMTQSPVTLSLSPGERATLSCRASQSVNASLAWYQQKPGQAPRLLIYDASTRATGLPDRFSGSGSGTEFTLSISSLEP
EDFAVYYCQHYFNWPLTFGGGTKVEIKRTVAAPSVFIFPPSDEQLKSGTASVVCLLNNFYPREAKVQWKVDNALQSGNSQ
ESVTEQDSKDSTYSLSSTLTLSKADYEKHKVYACEVTHQGLSSPVTKSFNRGEC
;
L
2 'polypeptide(L)' KFTMTGLKRDKTKEYN G
3 'polypeptide(L)'
;QVQLQESGPGLVKPSETLSLTCAVSGGSISDYYYWNWIRQFPGKGLEWIGNIYGKSASTYYNPSLKSRVSISKDTSKNQF
FLKLSSVTAADTAVYYCAREYCIGSTCYPILDSWGQGAVVTVSSASTKGPSVFPLAPSSKSTSGGTAALGCLVKDYFPEP
VTVSWNSGALTSGVHTFPAVLQSSGLYSLSSVVTVPSSSLGTQTYICNVNHKPSNTKVDKRVEPKSCDKGLEVLFQ
;
H
#
loop_
_chem_comp.id
_chem_comp.type
_chem_comp.name
_chem_comp.formula
BMA D-saccharide, beta linking beta-D-mannopyranose 'C6 H12 O6'
FUC L-saccharide, alpha linking alpha-L-fucopyranose 'C6 H12 O5'
NAG D-saccharide, beta linking 2-acetamido-2-deoxy-beta-D-glucopyranose 'C8 H15 N O6'
#
# COMPACT_ATOMS: atom_id res chain seq x y z
N GLU A 1 3.95 -13.14 -25.61
CA GLU A 1 2.79 -12.39 -25.03
C GLU A 1 2.64 -11.00 -25.66
N ILE A 2 1.44 -10.46 -25.54
CA ILE A 2 1.19 -9.06 -25.90
C ILE A 2 1.59 -8.21 -24.72
N VAL A 3 2.30 -7.12 -24.97
CA VAL A 3 2.81 -6.20 -23.95
C VAL A 3 1.98 -4.93 -23.99
N MET A 4 1.52 -4.51 -22.83
CA MET A 4 0.77 -3.27 -22.65
C MET A 4 1.66 -2.21 -22.03
N THR A 5 1.64 -1.02 -22.58
CA THR A 5 2.44 0.09 -22.10
CA THR A 5 2.41 0.07 -22.03
C THR A 5 1.52 1.27 -21.83
N GLN A 6 1.65 1.90 -20.68
CA GLN A 6 0.85 3.03 -20.28
C GLN A 6 1.67 4.31 -20.17
N SER A 7 1.02 5.41 -20.46
CA SER A 7 1.62 6.73 -20.32
C SER A 7 0.53 7.73 -19.95
N PRO A 8 0.89 8.82 -19.26
CA PRO A 8 2.18 9.05 -18.61
C PRO A 8 2.35 8.11 -17.41
N VAL A 9 3.55 8.06 -16.82
CA VAL A 9 3.75 7.26 -15.62
C VAL A 9 3.01 7.87 -14.43
N THR A 10 2.97 9.19 -14.36
CA THR A 10 2.30 9.91 -13.29
C THR A 10 1.61 11.13 -13.90
N LEU A 11 0.50 11.56 -13.29
CA LEU A 11 -0.30 12.70 -13.69
C LEU A 11 -0.63 13.44 -12.40
N SER A 12 -0.55 14.75 -12.42
CA SER A 12 -0.88 15.57 -11.26
C SER A 12 -1.77 16.69 -11.78
N LEU A 13 -3.03 16.69 -11.36
CA LEU A 13 -4.03 17.60 -11.90
C LEU A 13 -4.94 18.12 -10.80
N SER A 14 -5.47 19.30 -11.00
CA SER A 14 -6.37 19.91 -10.01
C SER A 14 -7.76 19.29 -10.10
N PRO A 15 -8.52 19.32 -9.00
CA PRO A 15 -9.91 18.86 -9.08
C PRO A 15 -10.68 19.65 -10.13
N GLY A 16 -11.54 18.93 -10.84
CA GLY A 16 -12.30 19.52 -11.90
C GLY A 16 -11.67 19.39 -13.28
N GLU A 17 -10.37 19.08 -13.34
CA GLU A 17 -9.70 18.95 -14.61
C GLU A 17 -9.86 17.55 -15.18
N ARG A 18 -9.66 17.44 -16.49
CA ARG A 18 -9.79 16.18 -17.21
C ARG A 18 -8.47 15.44 -17.22
N ALA A 19 -8.50 14.18 -16.76
CA ALA A 19 -7.34 13.31 -16.85
C ALA A 19 -7.50 12.39 -18.07
N THR A 20 -6.43 12.28 -18.85
CA THR A 20 -6.40 11.44 -20.04
C THR A 20 -5.23 10.48 -19.86
N LEU A 21 -5.55 9.18 -19.76
CA LEU A 21 -4.58 8.13 -19.54
C LEU A 21 -4.53 7.27 -20.78
N SER A 22 -3.33 6.97 -21.27
CA SER A 22 -3.18 6.20 -22.50
C SER A 22 -2.63 4.80 -22.24
N CYS A 23 -3.04 3.86 -23.08
CA CYS A 23 -2.61 2.47 -23.04
C CYS A 23 -2.37 2.03 -24.46
N ARG A 24 -1.22 1.44 -24.71
CA ARG A 24 -0.83 0.93 -26.02
C ARG A 24 -0.55 -0.56 -25.92
N ALA A 25 -1.07 -1.34 -26.86
CA ALA A 25 -0.78 -2.77 -26.99
C ALA A 25 0.26 -2.99 -28.07
N SER A 26 1.11 -4.01 -27.88
CA SER A 26 2.16 -4.28 -28.85
C SER A 26 1.66 -4.91 -30.13
N GLN A 27 0.49 -5.53 -30.09
CA GLN A 27 -0.24 -5.95 -31.29
C GLN A 27 -1.71 -5.68 -30.99
N SER A 28 -2.52 -5.64 -32.03
CA SER A 28 -3.93 -5.34 -31.82
C SER A 28 -4.58 -6.32 -30.87
N VAL A 29 -5.37 -5.78 -29.94
CA VAL A 29 -6.23 -6.57 -29.05
C VAL A 29 -7.71 -6.34 -29.38
N ASN A 30 -8.00 -5.71 -30.52
CA ASN A 30 -9.34 -5.34 -30.98
C ASN A 30 -10.04 -4.53 -29.88
N ALA A 31 -11.02 -5.11 -29.20
CA ALA A 31 -11.72 -4.41 -28.12
C ALA A 31 -11.53 -5.08 -26.77
N SER A 32 -10.64 -6.05 -26.67
CA SER A 32 -10.49 -6.87 -25.48
C SER A 32 -9.55 -6.21 -24.48
N LEU A 33 -10.04 -5.12 -23.89
CA LEU A 33 -9.23 -4.23 -23.07
C LEU A 33 -10.06 -3.73 -21.90
N ALA A 34 -9.51 -3.86 -20.69
CA ALA A 34 -10.15 -3.48 -19.45
C ALA A 34 -9.25 -2.49 -18.71
N TRP A 35 -9.88 -1.70 -17.83
CA TRP A 35 -9.21 -0.75 -16.96
C TRP A 35 -9.59 -1.01 -15.51
N TYR A 36 -8.60 -0.88 -14.63
CA TYR A 36 -8.78 -1.01 -13.19
C TYR A 36 -8.26 0.23 -12.47
N GLN A 37 -8.83 0.48 -11.28
CA GLN A 37 -8.36 1.52 -10.36
C GLN A 37 -7.88 0.84 -9.09
N GLN A 38 -6.68 1.19 -8.63
CA GLN A 38 -6.17 0.64 -7.38
C GLN A 38 -5.82 1.76 -6.41
N LYS A 39 -6.54 1.83 -5.34
CA LYS A 39 -6.29 2.77 -4.26
C LYS A 39 -5.33 2.16 -3.25
N PRO A 40 -4.68 2.98 -2.43
CA PRO A 40 -3.70 2.43 -1.48
C PRO A 40 -4.28 1.39 -0.53
N GLY A 41 -3.56 0.28 -0.40
CA GLY A 41 -3.92 -0.76 0.53
C GLY A 41 -5.01 -1.68 0.05
N GLN A 42 -5.50 -1.49 -1.18
CA GLN A 42 -6.62 -2.23 -1.70
C GLN A 42 -6.23 -3.01 -2.93
N ALA A 43 -7.03 -4.02 -3.25
CA ALA A 43 -6.92 -4.67 -4.53
C ALA A 43 -7.41 -3.74 -5.65
N PRO A 44 -7.00 -3.99 -6.89
CA PRO A 44 -7.59 -3.29 -8.03
C PRO A 44 -9.09 -3.52 -8.12
N ARG A 45 -9.79 -2.50 -8.64
CA ARG A 45 -11.22 -2.50 -8.88
C ARG A 45 -11.48 -2.35 -10.38
N LEU A 46 -12.24 -3.26 -10.96
CA LEU A 46 -12.60 -3.18 -12.37
C LEU A 46 -13.50 -1.98 -12.64
N LEU A 47 -13.10 -1.18 -13.64
CA LEU A 47 -13.86 0.00 -14.03
C LEU A 47 -14.57 -0.19 -15.37
N ILE A 48 -13.84 -0.61 -16.39
CA ILE A 48 -14.27 -0.58 -17.78
C ILE A 48 -13.82 -1.89 -18.41
N TYR A 49 -14.61 -2.43 -19.32
CA TYR A 49 -14.19 -3.56 -20.13
C TYR A 49 -14.74 -3.39 -21.54
N ASP A 50 -14.30 -4.26 -22.45
CA ASP A 50 -14.65 -4.14 -23.87
CA ASP A 50 -14.65 -4.13 -23.86
C ASP A 50 -14.34 -2.73 -24.38
N ALA A 51 -13.26 -2.15 -23.85
CA ALA A 51 -12.73 -0.83 -24.18
C ALA A 51 -13.56 0.33 -23.66
N SER A 52 -14.90 0.22 -23.69
CA SER A 52 -15.78 1.34 -23.42
C SER A 52 -17.00 1.04 -22.58
N THR A 53 -17.22 -0.18 -22.11
CA THR A 53 -18.40 -0.51 -21.31
C THR A 53 -18.07 -0.32 -19.82
N ARG A 54 -18.87 0.46 -19.11
CA ARG A 54 -18.64 0.68 -17.69
C ARG A 54 -19.17 -0.49 -16.86
N ALA A 55 -18.42 -0.88 -15.83
CA ALA A 55 -18.99 -1.78 -14.83
C ALA A 55 -20.18 -1.12 -14.16
N THR A 56 -21.11 -1.96 -13.67
CA THR A 56 -22.36 -1.45 -13.12
C THR A 56 -22.09 -0.49 -11.98
N GLY A 57 -22.82 0.63 -11.97
CA GLY A 57 -22.69 1.61 -10.90
C GLY A 57 -21.51 2.55 -11.02
N LEU A 58 -20.63 2.36 -12.00
CA LEU A 58 -19.46 3.21 -12.10
C LEU A 58 -19.89 4.66 -12.33
N PRO A 59 -19.28 5.62 -11.61
CA PRO A 59 -19.57 7.02 -11.90
C PRO A 59 -19.33 7.33 -13.37
N ASP A 60 -20.16 8.21 -13.91
CA ASP A 60 -20.09 8.53 -15.33
C ASP A 60 -18.82 9.28 -15.69
N ARG A 61 -18.13 9.88 -14.73
CA ARG A 61 -16.93 10.64 -15.07
C ARG A 61 -15.82 9.74 -15.64
N PHE A 62 -15.89 8.43 -15.41
CA PHE A 62 -14.93 7.49 -15.99
C PHE A 62 -15.45 7.04 -17.35
N SER A 63 -14.62 7.15 -18.39
CA SER A 63 -14.99 6.67 -19.72
C SER A 63 -13.79 6.07 -20.41
N GLY A 64 -14.03 5.02 -21.19
CA GLY A 64 -12.99 4.35 -21.93
C GLY A 64 -13.26 4.49 -23.41
N SER A 65 -12.19 4.57 -24.19
CA SER A 65 -12.31 4.59 -25.64
C SER A 65 -11.10 3.92 -26.26
N GLY A 66 -11.21 3.67 -27.55
CA GLY A 66 -10.10 3.17 -28.34
C GLY A 66 -10.39 1.80 -28.92
N SER A 67 -9.39 1.30 -29.64
CA SER A 67 -9.47 0.01 -30.28
CA SER A 67 -9.50 0.09 -30.43
C SER A 67 -8.11 -0.33 -30.89
N GLY A 68 -7.93 -1.62 -31.11
CA GLY A 68 -6.73 -2.13 -31.77
C GLY A 68 -5.53 -2.07 -30.87
N THR A 69 -4.64 -1.09 -31.10
CA THR A 69 -3.45 -0.93 -30.26
C THR A 69 -3.49 0.31 -29.38
N GLU A 70 -4.50 1.18 -29.48
CA GLU A 70 -4.49 2.45 -28.76
C GLU A 70 -5.78 2.66 -28.00
N PHE A 71 -5.67 2.89 -26.69
CA PHE A 71 -6.81 3.02 -25.80
C PHE A 71 -6.58 4.19 -24.86
N THR A 72 -7.70 4.76 -24.39
CA THR A 72 -7.68 5.87 -23.46
CA THR A 72 -7.64 5.84 -23.42
C THR A 72 -8.70 5.64 -22.34
N LEU A 73 -8.31 5.99 -21.11
CA LEU A 73 -9.24 6.13 -19.99
C LEU A 73 -9.30 7.63 -19.68
N SER A 74 -10.50 8.17 -19.66
CA SER A 74 -10.70 9.58 -19.33
C SER A 74 -11.42 9.67 -18.00
N ILE A 75 -10.97 10.62 -17.18
CA ILE A 75 -11.71 11.02 -15.98
C ILE A 75 -12.09 12.46 -16.24
N SER A 76 -13.38 12.69 -16.48
CA SER A 76 -13.80 13.94 -17.10
C SER A 76 -13.63 15.14 -16.19
N SER A 77 -13.74 14.92 -14.88
CA SER A 77 -13.56 15.98 -13.90
C SER A 77 -13.04 15.31 -12.63
N LEU A 78 -11.77 15.50 -12.35
CA LEU A 78 -11.15 14.76 -11.26
C LEU A 78 -11.75 15.16 -9.92
N GLU A 79 -11.88 14.18 -9.03
CA GLU A 79 -12.26 14.39 -7.64
CA GLU A 79 -12.27 14.36 -7.65
C GLU A 79 -11.14 13.90 -6.73
N PRO A 80 -11.05 14.43 -5.50
CA PRO A 80 -9.99 13.97 -4.58
C PRO A 80 -9.94 12.47 -4.37
N GLU A 81 -11.10 11.81 -4.31
CA GLU A 81 -11.13 10.37 -4.13
C GLU A 81 -10.58 9.59 -5.31
N ASP A 82 -10.30 10.25 -6.44
CA ASP A 82 -9.79 9.56 -7.61
C ASP A 82 -8.30 9.32 -7.58
N PHE A 83 -7.62 9.77 -6.53
CA PHE A 83 -6.23 9.39 -6.33
C PHE A 83 -6.10 7.87 -6.34
N ALA A 84 -5.24 7.36 -7.22
CA ALA A 84 -5.11 5.92 -7.41
C ALA A 84 -4.08 5.68 -8.49
N VAL A 85 -3.69 4.43 -8.65
CA VAL A 85 -2.99 3.94 -9.83
C VAL A 85 -4.00 3.23 -10.72
N TYR A 86 -4.00 3.57 -12.01
CA TYR A 86 -4.93 3.01 -12.98
C TYR A 86 -4.13 2.10 -13.89
N TYR A 87 -4.66 0.89 -14.13
CA TYR A 87 -4.00 -0.11 -14.96
C TYR A 87 -4.91 -0.56 -16.08
N CYS A 88 -4.34 -0.83 -17.23
CA CYS A 88 -5.05 -1.52 -18.29
C CYS A 88 -4.63 -2.98 -18.32
N GLN A 89 -5.49 -3.81 -18.89
CA GLN A 89 -5.26 -5.26 -19.03
C GLN A 89 -5.92 -5.71 -20.32
N HIS A 90 -5.20 -6.43 -21.16
CA HIS A 90 -5.86 -7.04 -22.31
C HIS A 90 -6.32 -8.45 -21.98
N TYR A 91 -7.26 -8.92 -22.78
CA TYR A 91 -7.74 -10.30 -22.71
C TYR A 91 -7.98 -10.81 -24.13
N PHE A 92 -7.06 -10.47 -25.03
CA PHE A 92 -7.19 -10.88 -26.42
C PHE A 92 -6.75 -12.33 -26.64
N ASN A 93 -5.68 -12.73 -25.96
CA ASN A 93 -5.16 -14.09 -26.01
C ASN A 93 -4.44 -14.36 -24.69
N TRP A 94 -3.94 -15.58 -24.54
CA TRP A 94 -3.18 -15.93 -23.34
C TRP A 94 -1.68 -15.70 -23.59
N PRO A 95 -0.93 -15.22 -22.60
CA PRO A 95 -1.40 -14.86 -21.26
C PRO A 95 -2.01 -13.46 -21.17
N LEU A 96 -2.88 -13.28 -20.19
CA LEU A 96 -3.35 -11.95 -19.84
C LEU A 96 -2.17 -11.15 -19.34
N THR A 97 -2.09 -9.88 -19.75
CA THR A 97 -1.03 -9.00 -19.26
C THR A 97 -1.60 -7.62 -18.98
N PHE A 98 -0.91 -6.91 -18.10
CA PHE A 98 -1.29 -5.61 -17.62
C PHE A 98 -0.25 -4.57 -18.04
N GLY A 99 -0.71 -3.33 -18.18
CA GLY A 99 0.17 -2.19 -18.28
C GLY A 99 0.84 -1.91 -16.95
N GLY A 100 1.80 -1.00 -16.97
CA GLY A 100 2.57 -0.69 -15.77
C GLY A 100 1.95 0.34 -14.86
N GLY A 101 0.80 0.88 -15.22
CA GLY A 101 0.08 1.80 -14.36
C GLY A 101 0.40 3.26 -14.64
N THR A 102 -0.61 4.09 -14.39
CA THR A 102 -0.48 5.54 -14.33
C THR A 102 -0.97 5.98 -12.97
N LYS A 103 -0.13 6.67 -12.21
CA LYS A 103 -0.54 7.17 -10.90
C LYS A 103 -1.12 8.55 -11.09
N VAL A 104 -2.34 8.77 -10.60
CA VAL A 104 -3.01 10.06 -10.68
C VAL A 104 -3.01 10.71 -9.31
N GLU A 105 -2.31 11.85 -9.21
CA GLU A 105 -2.23 12.67 -8.01
C GLU A 105 -3.13 13.88 -8.17
N ILE A 106 -3.69 14.33 -7.07
CA ILE A 106 -4.60 15.47 -7.07
C ILE A 106 -3.84 16.70 -6.62
N LYS A 107 -3.89 17.75 -7.40
CA LYS A 107 -3.40 19.01 -6.91
C LYS A 107 -4.42 19.60 -5.94
N ARG A 108 -3.92 20.40 -5.03
CA ARG A 108 -4.75 21.22 -4.21
C ARG A 108 -3.92 22.43 -3.85
N THR A 109 -4.55 23.34 -3.11
CA THR A 109 -3.85 24.51 -2.65
C THR A 109 -2.75 24.12 -1.68
N VAL A 110 -1.76 24.99 -1.58
CA VAL A 110 -0.66 24.78 -0.65
CA VAL A 110 -0.66 24.75 -0.66
C VAL A 110 -1.20 24.69 0.77
N ALA A 111 -0.67 23.75 1.53
CA ALA A 111 -0.99 23.60 2.95
C ALA A 111 0.31 23.34 3.69
N ALA A 112 0.63 24.19 4.65
CA ALA A 112 1.85 24.04 5.43
C ALA A 112 1.74 22.87 6.39
N PRO A 113 2.84 22.17 6.67
CA PRO A 113 2.80 21.13 7.68
C PRO A 113 2.75 21.68 9.10
N SER A 114 2.05 20.96 9.96
CA SER A 114 2.26 21.07 11.40
CA SER A 114 2.27 21.08 11.40
C SER A 114 3.40 20.13 11.76
N VAL A 115 4.29 20.58 12.63
CA VAL A 115 5.53 19.86 12.93
C VAL A 115 5.55 19.46 14.40
N PHE A 116 5.97 18.23 14.64
CA PHE A 116 5.98 17.62 15.96
C PHE A 116 7.26 16.82 16.11
N ILE A 117 7.85 16.80 17.31
CA ILE A 117 9.09 16.05 17.54
C ILE A 117 8.92 15.15 18.75
N PHE A 118 9.51 13.96 18.67
CA PHE A 118 9.42 12.94 19.70
C PHE A 118 10.81 12.46 20.11
N PRO A 119 11.20 12.63 21.36
CA PRO A 119 12.45 12.03 21.83
C PRO A 119 12.36 10.52 21.83
N PRO A 120 13.50 9.83 21.96
CA PRO A 120 13.46 8.38 22.16
C PRO A 120 12.80 8.06 23.49
N SER A 121 12.10 6.94 23.52
CA SER A 121 11.50 6.48 24.76
C SER A 121 12.55 5.90 25.69
N ASP A 122 12.27 5.95 26.99
CA ASP A 122 13.17 5.32 27.94
C ASP A 122 13.27 3.82 27.71
N GLU A 123 12.16 3.20 27.27
CA GLU A 123 12.19 1.77 26.99
C GLU A 123 13.16 1.45 25.86
N GLN A 124 13.20 2.28 24.82
CA GLN A 124 14.15 2.01 23.75
C GLN A 124 15.58 2.26 24.19
N LEU A 125 15.80 3.35 24.96
CA LEU A 125 17.15 3.64 25.41
C LEU A 125 17.72 2.48 26.24
N LYS A 126 16.87 1.73 26.93
CA LYS A 126 17.36 0.58 27.68
C LYS A 126 18.18 -0.38 26.80
N SER A 127 18.02 -0.33 25.48
CA SER A 127 18.60 -1.33 24.60
C SER A 127 19.74 -0.83 23.72
N GLY A 128 20.21 0.39 23.90
CA GLY A 128 21.41 0.85 23.23
C GLY A 128 21.23 1.65 21.96
N THR A 129 19.99 1.85 21.51
CA THR A 129 19.71 2.68 20.34
C THR A 129 18.71 3.74 20.74
N ALA A 130 18.78 4.86 20.04
CA ALA A 130 17.86 5.98 20.21
C ALA A 130 17.31 6.35 18.84
N SER A 131 15.98 6.42 18.72
CA SER A 131 15.32 6.91 17.53
C SER A 131 14.63 8.21 17.89
N VAL A 132 14.92 9.26 17.15
CA VAL A 132 14.27 10.55 17.31
C VAL A 132 13.39 10.77 16.10
N VAL A 133 12.13 11.15 16.29
CA VAL A 133 11.15 11.18 15.21
C VAL A 133 10.62 12.61 15.05
N CYS A 134 10.63 13.10 13.81
CA CYS A 134 10.03 14.38 13.46
C CYS A 134 8.87 14.08 12.51
N LEU A 135 7.69 14.61 12.82
CA LEU A 135 6.46 14.39 12.06
C LEU A 135 6.06 15.70 11.41
N LEU A 136 5.82 15.66 10.11
CA LEU A 136 5.24 16.76 9.34
C LEU A 136 3.84 16.30 8.95
N ASN A 137 2.81 16.97 9.41
CA ASN A 137 1.47 16.46 9.21
C ASN A 137 0.62 17.31 8.29
N ASN A 138 -0.06 16.64 7.35
CA ASN A 138 -1.14 17.18 6.53
C ASN A 138 -0.71 18.42 5.73
N PHE A 139 0.18 18.19 4.78
CA PHE A 139 0.76 19.24 3.98
C PHE A 139 0.63 18.94 2.49
N TYR A 140 0.80 19.98 1.68
CA TYR A 140 0.78 19.86 0.22
C TYR A 140 1.56 21.05 -0.32
N PRO A 141 2.44 20.89 -1.31
CA PRO A 141 2.78 19.66 -2.04
C PRO A 141 3.69 18.72 -1.26
N ARG A 142 4.02 17.57 -1.89
CA ARG A 142 4.74 16.51 -1.21
C ARG A 142 6.16 16.91 -0.85
N GLU A 143 6.76 17.77 -1.66
CA GLU A 143 8.17 18.12 -1.45
C GLU A 143 8.35 18.91 -0.16
N ALA A 144 9.33 18.50 0.64
CA ALA A 144 9.63 19.13 1.90
C ALA A 144 11.09 18.84 2.22
N LYS A 145 11.72 19.76 2.93
CA LYS A 145 13.10 19.59 3.40
C LYS A 145 13.09 19.50 4.91
N VAL A 146 13.61 18.41 5.46
CA VAL A 146 13.74 18.21 6.89
C VAL A 146 15.24 18.10 7.21
N GLN A 147 15.72 18.99 8.07
CA GLN A 147 17.12 18.98 8.47
C GLN A 147 17.19 18.74 9.97
N TRP A 148 17.92 17.72 10.36
CA TRP A 148 18.21 17.45 11.76
C TRP A 148 19.45 18.19 12.21
N LYS A 149 19.39 18.73 13.42
CA LYS A 149 20.56 19.33 14.06
C LYS A 149 20.68 18.79 15.48
N VAL A 150 21.91 18.46 15.86
CA VAL A 150 22.22 17.96 17.20
C VAL A 150 23.31 18.89 17.73
N ASP A 151 22.99 19.62 18.80
CA ASP A 151 23.86 20.69 19.29
C ASP A 151 24.39 21.55 18.14
N ASN A 152 23.48 21.93 17.25
CA ASN A 152 23.71 22.81 16.11
C ASN A 152 24.55 22.19 15.00
N ALA A 153 24.84 20.89 15.09
CA ALA A 153 25.52 20.18 14.01
C ALA A 153 24.50 19.56 13.09
N LEU A 154 24.58 19.92 11.81
CA LEU A 154 23.68 19.39 10.80
CA LEU A 154 23.72 19.40 10.76
C LEU A 154 23.99 17.93 10.55
N GLN A 155 22.98 17.10 10.69
CA GLN A 155 23.11 15.67 10.48
C GLN A 155 22.83 15.30 9.04
N SER A 156 23.61 14.36 8.53
N SER A 156 23.57 14.30 8.54
CA SER A 156 23.28 13.75 7.24
CA SER A 156 23.38 13.79 7.18
C SER A 156 23.64 12.27 7.31
C SER A 156 23.77 12.33 7.13
N GLY A 157 22.89 11.49 6.56
CA GLY A 157 23.17 10.09 6.38
C GLY A 157 22.70 9.18 7.49
N ASN A 158 22.17 9.74 8.58
CA ASN A 158 21.67 8.94 9.69
C ASN A 158 20.19 9.15 9.94
N SER A 159 19.43 9.54 8.92
CA SER A 159 17.98 9.62 9.02
C SER A 159 17.33 8.92 7.84
N GLN A 160 16.11 8.47 8.03
CA GLN A 160 15.31 7.92 6.97
C GLN A 160 13.92 8.52 7.01
N GLU A 161 13.34 8.79 5.84
CA GLU A 161 12.05 9.43 5.73
C GLU A 161 11.03 8.44 5.17
N SER A 162 9.78 8.61 5.60
CA SER A 162 8.66 7.89 5.01
C SER A 162 7.51 8.86 4.78
N VAL A 163 6.76 8.68 3.70
CA VAL A 163 5.68 9.59 3.35
C VAL A 163 4.42 8.75 3.10
N THR A 164 3.30 9.23 3.60
CA THR A 164 2.04 8.54 3.35
C THR A 164 1.62 8.74 1.91
N GLU A 165 0.70 7.89 1.47
CA GLU A 165 0.02 8.16 0.21
C GLU A 165 -0.91 9.34 0.38
N GLN A 166 -1.22 9.99 -0.71
CA GLN A 166 -2.07 11.16 -0.64
C GLN A 166 -3.42 10.80 -0.02
N ASP A 167 -3.91 11.67 0.85
CA ASP A 167 -5.19 11.43 1.50
C ASP A 167 -6.34 11.55 0.51
N SER A 168 -7.28 10.60 0.56
CA SER A 168 -8.38 10.54 -0.40
CA SER A 168 -8.35 10.56 -0.42
C SER A 168 -9.41 11.63 -0.21
N LYS A 169 -9.41 12.31 0.92
CA LYS A 169 -10.40 13.35 1.20
C LYS A 169 -9.82 14.76 1.08
N ASP A 170 -8.68 15.01 1.73
CA ASP A 170 -8.11 16.35 1.77
C ASP A 170 -6.89 16.50 0.89
N SER A 171 -6.45 15.44 0.24
CA SER A 171 -5.37 15.48 -0.76
C SER A 171 -4.04 15.90 -0.17
N THR A 172 -3.83 15.73 1.13
CA THR A 172 -2.56 16.05 1.74
C THR A 172 -1.68 14.82 1.98
N TYR A 173 -0.44 15.10 2.35
CA TYR A 173 0.58 14.12 2.71
C TYR A 173 0.98 14.33 4.17
N SER A 174 1.53 13.29 4.76
CA SER A 174 2.28 13.40 6.00
C SER A 174 3.60 12.67 5.82
N LEU A 175 4.58 13.07 6.61
CA LEU A 175 5.95 12.58 6.47
C LEU A 175 6.56 12.42 7.84
N SER A 176 7.32 11.34 8.01
CA SER A 176 8.14 11.13 9.20
C SER A 176 9.59 11.14 8.79
N SER A 177 10.43 11.70 9.63
CA SER A 177 11.88 11.60 9.52
C SER A 177 12.37 11.03 10.85
N THR A 178 13.14 9.95 10.79
CA THR A 178 13.63 9.24 11.96
C THR A 178 15.15 9.32 11.94
N LEU A 179 15.71 9.95 12.99
CA LEU A 179 17.16 10.05 13.22
C LEU A 179 17.54 8.92 14.14
N THR A 180 18.52 8.11 13.72
CA THR A 180 19.01 6.99 14.51
C THR A 180 20.41 7.29 15.00
N LEU A 181 20.59 7.19 16.32
CA LEU A 181 21.88 7.35 16.96
C LEU A 181 22.07 6.23 17.97
N SER A 182 23.32 5.92 18.31
CA SER A 182 23.52 5.03 19.42
C SER A 182 23.10 5.73 20.71
N LYS A 183 22.73 4.94 21.72
CA LYS A 183 22.41 5.53 23.01
C LYS A 183 23.57 6.37 23.53
N ALA A 184 24.81 5.86 23.38
CA ALA A 184 25.98 6.58 23.88
C ALA A 184 26.12 7.93 23.20
N ASP A 185 25.91 8.00 21.88
CA ASP A 185 25.94 9.29 21.19
C ASP A 185 24.79 10.17 21.66
N TYR A 186 23.58 9.61 21.78
CA TYR A 186 22.44 10.42 22.20
C TYR A 186 22.70 11.09 23.55
N GLU A 187 23.29 10.36 24.50
CA GLU A 187 23.49 10.90 25.83
C GLU A 187 24.64 11.89 25.93
N LYS A 188 25.36 12.13 24.84
CA LYS A 188 26.48 13.08 24.85
C LYS A 188 26.10 14.45 24.29
N HIS A 189 24.84 14.64 23.91
CA HIS A 189 24.41 15.89 23.33
C HIS A 189 23.13 16.35 23.99
N LYS A 190 22.87 17.64 23.89
CA LYS A 190 21.74 18.23 24.59
C LYS A 190 20.59 18.62 23.69
N VAL A 191 20.83 19.41 22.64
CA VAL A 191 19.75 20.01 21.86
C VAL A 191 19.51 19.19 20.60
N TYR A 192 18.29 18.68 20.46
CA TYR A 192 17.85 17.93 19.29
C TYR A 192 16.78 18.74 18.57
N ALA A 193 16.98 18.99 17.29
CA ALA A 193 16.10 19.89 16.55
C ALA A 193 15.87 19.39 15.14
N CYS A 194 14.62 19.56 14.69
CA CYS A 194 14.28 19.30 13.30
CA CYS A 194 14.19 19.28 13.32
C CYS A 194 13.76 20.60 12.69
N GLU A 195 14.38 20.99 11.59
CA GLU A 195 14.07 22.24 10.90
C GLU A 195 13.43 21.91 9.56
N VAL A 196 12.25 22.49 9.30
CA VAL A 196 11.42 22.12 8.17
C VAL A 196 11.25 23.31 7.24
N THR A 197 11.51 23.09 5.95
CA THR A 197 11.29 24.05 4.88
C THR A 197 10.23 23.46 3.96
N HIS A 198 9.25 24.27 3.56
CA HIS A 198 8.13 23.82 2.76
C HIS A 198 7.50 25.04 2.12
N GLN A 199 6.88 24.83 0.96
CA GLN A 199 6.27 25.94 0.22
C GLN A 199 5.28 26.71 1.06
N GLY A 200 4.60 26.03 1.99
CA GLY A 200 3.61 26.68 2.82
C GLY A 200 4.13 27.44 4.02
N LEU A 201 5.42 27.41 4.28
CA LEU A 201 6.05 28.11 5.39
C LEU A 201 6.83 29.31 4.86
N SER A 202 6.51 30.50 5.37
CA SER A 202 7.16 31.71 4.92
CA SER A 202 7.17 31.71 4.90
C SER A 202 8.64 31.70 5.21
N SER A 203 9.04 31.06 6.31
CA SER A 203 10.41 30.80 6.69
C SER A 203 10.41 29.46 7.41
N PRO A 204 11.59 28.86 7.55
CA PRO A 204 11.64 27.50 8.14
C PRO A 204 11.16 27.48 9.58
N VAL A 205 10.60 26.34 9.95
CA VAL A 205 10.06 26.10 11.28
C VAL A 205 10.95 25.06 11.95
N THR A 206 11.38 25.34 13.18
CA THR A 206 12.19 24.42 13.97
C THR A 206 11.42 23.98 15.20
N LYS A 207 11.41 22.67 15.45
CA LYS A 207 10.93 22.09 16.69
C LYS A 207 12.10 21.40 17.35
N SER A 208 12.26 21.59 18.64
CA SER A 208 13.46 21.10 19.31
C SER A 208 13.10 20.66 20.71
N PHE A 209 14.02 19.90 21.30
CA PHE A 209 13.94 19.56 22.70
C PHE A 209 15.35 19.44 23.26
N ASN A 210 15.44 19.57 24.58
CA ASN A 210 16.66 19.29 25.34
C ASN A 210 16.54 17.90 25.94
N ARG A 211 17.55 17.06 25.70
CA ARG A 211 17.58 15.73 26.27
C ARG A 211 17.41 15.80 27.77
N GLY A 212 16.54 14.96 28.31
CA GLY A 212 16.25 14.95 29.74
C GLY A 212 14.96 15.66 30.09
N GLU A 213 14.77 16.86 29.56
CA GLU A 213 13.57 17.65 29.84
C GLU A 213 12.31 16.85 29.56
N CYS A 214 11.41 16.80 30.53
CA CYS A 214 10.07 16.25 30.31
C CYS A 214 9.18 17.32 29.66
N GLY B 6 -11.13 -12.11 -29.52
CA GLY B 6 -10.52 -12.10 -28.18
C GLY B 6 -11.12 -13.15 -27.26
N LEU B 7 -10.69 -13.19 -26.02
CA LEU B 7 -11.16 -14.23 -25.08
C LEU B 7 -12.52 -13.87 -24.52
N LYS B 8 -13.43 -14.82 -24.53
CA LYS B 8 -14.78 -14.65 -23.99
C LYS B 8 -15.38 -16.05 -23.98
N ARG B 9 -16.39 -16.24 -23.14
CA ARG B 9 -17.07 -17.54 -23.13
C ARG B 9 -18.51 -17.40 -22.68
N ASP B 10 -19.37 -18.29 -23.20
CA ASP B 10 -20.67 -18.45 -22.57
CA ASP B 10 -20.68 -18.49 -22.58
C ASP B 10 -20.46 -18.97 -21.16
N LYS B 11 -21.31 -18.51 -20.24
CA LYS B 11 -21.07 -18.81 -18.82
C LYS B 11 -20.99 -20.30 -18.53
N THR B 12 -21.72 -21.15 -19.25
CA THR B 12 -21.68 -22.59 -18.96
C THR B 12 -20.66 -23.35 -19.80
N LYS B 13 -19.72 -22.66 -20.44
CA LYS B 13 -18.69 -23.30 -21.25
C LYS B 13 -17.30 -22.88 -20.77
N GLU B 14 -16.32 -23.75 -20.99
CA GLU B 14 -14.93 -23.40 -20.77
C GLU B 14 -14.43 -22.47 -21.87
N TYR B 15 -13.28 -21.83 -21.64
CA TYR B 15 -12.57 -21.18 -22.73
C TYR B 15 -12.08 -22.24 -23.71
N ASN B 16 -11.74 -21.80 -24.91
CA ASN B 16 -11.24 -22.72 -25.92
C ASN B 16 -9.90 -23.37 -25.53
N GLN C 1 -21.66 -10.28 -2.88
CA GLN C 1 -20.96 -10.38 -1.58
C GLN C 1 -20.15 -11.68 -1.54
N VAL C 2 -19.69 -12.16 -2.71
CA VAL C 2 -18.61 -13.13 -2.73
C VAL C 2 -17.38 -12.48 -2.12
N GLN C 3 -16.72 -13.20 -1.25
CA GLN C 3 -15.56 -12.69 -0.55
C GLN C 3 -14.47 -13.73 -0.66
N LEU C 4 -13.26 -13.26 -0.88
CA LEU C 4 -12.10 -14.12 -1.04
C LEU C 4 -11.05 -13.72 -0.02
N GLN C 5 -10.32 -14.70 0.51
CA GLN C 5 -9.30 -14.43 1.53
C GLN C 5 -8.12 -15.37 1.35
N GLU C 6 -6.96 -14.79 1.12
CA GLU C 6 -5.74 -15.55 0.99
C GLU C 6 -5.16 -15.87 2.37
N SER C 7 -4.46 -17.01 2.44
CA SER C 7 -3.74 -17.36 3.66
C SER C 7 -2.52 -18.20 3.30
N GLY C 8 -1.51 -18.16 4.15
CA GLY C 8 -0.33 -18.96 3.98
C GLY C 8 0.89 -18.22 4.49
N PRO C 9 2.04 -18.87 4.46
CA PRO C 9 3.27 -18.25 4.99
C PRO C 9 3.62 -16.94 4.30
N GLY C 10 4.22 -16.05 5.07
CA GLY C 10 4.72 -14.80 4.56
C GLY C 10 6.19 -14.79 4.21
N LEU C 11 6.89 -15.87 4.54
CA LEU C 11 8.32 -16.00 4.28
C LEU C 11 8.57 -17.38 3.73
N VAL C 12 9.28 -17.46 2.61
CA VAL C 12 9.63 -18.72 1.93
C VAL C 12 11.12 -18.65 1.63
N LYS C 13 11.84 -19.77 1.86
CA LYS C 13 13.25 -19.78 1.58
C LYS C 13 13.50 -19.98 0.09
N PRO C 14 14.55 -19.37 -0.46
CA PRO C 14 14.90 -19.61 -1.86
C PRO C 14 15.04 -21.10 -2.17
N SER C 15 14.53 -21.49 -3.34
CA SER C 15 14.52 -22.84 -3.91
C SER C 15 13.34 -23.66 -3.39
N GLU C 16 12.65 -23.21 -2.37
CA GLU C 16 11.51 -23.94 -1.81
C GLU C 16 10.23 -23.56 -2.53
N THR C 17 9.11 -24.11 -2.07
CA THR C 17 7.82 -23.93 -2.70
C THR C 17 6.96 -22.98 -1.90
N LEU C 18 6.41 -21.99 -2.59
CA LEU C 18 5.45 -21.05 -2.04
C LEU C 18 4.06 -21.64 -2.22
N SER C 19 3.33 -21.78 -1.11
CA SER C 19 1.97 -22.28 -1.13
C SER C 19 1.03 -21.25 -0.52
N LEU C 20 -0.10 -21.01 -1.21
CA LEU C 20 -1.14 -20.13 -0.68
C LEU C 20 -2.51 -20.76 -0.90
N THR C 21 -3.41 -20.47 0.02
CA THR C 21 -4.80 -20.90 -0.02
C THR C 21 -5.70 -19.68 -0.18
N CYS C 22 -6.76 -19.84 -0.98
CA CYS C 22 -7.81 -18.84 -1.06
C CYS C 22 -9.10 -19.49 -0.56
N ALA C 23 -9.67 -18.92 0.49
CA ALA C 23 -10.95 -19.37 1.03
C ALA C 23 -12.04 -18.45 0.50
N VAL C 24 -13.11 -19.03 0.00
CA VAL C 24 -14.20 -18.28 -0.63
C VAL C 24 -15.45 -18.41 0.22
N SER C 25 -16.14 -17.29 0.42
CA SER C 25 -17.45 -17.29 1.06
C SER C 25 -18.41 -16.47 0.21
N GLY C 26 -19.70 -16.73 0.41
CA GLY C 26 -20.70 -16.05 -0.37
C GLY C 26 -20.92 -16.63 -1.74
N GLY C 27 -20.28 -17.75 -2.04
CA GLY C 27 -20.41 -18.40 -3.34
C GLY C 27 -19.59 -19.66 -3.29
N SER C 28 -19.91 -20.57 -4.19
CA SER C 28 -19.25 -21.87 -4.25
CA SER C 28 -19.24 -21.86 -4.24
C SER C 28 -18.12 -21.85 -5.26
N ILE C 29 -17.02 -22.56 -4.92
CA ILE C 29 -15.97 -22.76 -5.90
C ILE C 29 -16.51 -23.57 -7.09
N SER C 30 -17.40 -24.54 -6.82
CA SER C 30 -18.01 -25.36 -7.87
C SER C 30 -19.12 -24.57 -8.55
N ASP C 31 -18.70 -23.62 -9.36
CA ASP C 31 -19.59 -22.69 -10.05
C ASP C 31 -18.95 -22.40 -11.39
N TYR C 32 -19.73 -21.74 -12.26
CA TYR C 32 -19.34 -21.47 -13.64
C TYR C 32 -18.44 -20.24 -13.77
N TYR C 33 -17.34 -20.29 -13.03
CA TYR C 33 -16.36 -19.21 -13.03
C TYR C 33 -14.95 -19.79 -13.03
N TYR C 34 -14.02 -19.04 -13.61
CA TYR C 34 -12.60 -19.32 -13.41
C TYR C 34 -12.07 -18.52 -12.22
N TRP C 35 -11.27 -19.19 -11.41
CA TRP C 35 -10.67 -18.67 -10.18
C TRP C 35 -9.21 -18.42 -10.48
N ASN C 36 -8.73 -17.22 -10.15
CA ASN C 36 -7.45 -16.72 -10.63
C ASN C 36 -6.50 -16.39 -9.50
N TRP C 37 -5.20 -16.44 -9.83
CA TRP C 37 -4.13 -15.86 -9.01
C TRP C 37 -3.40 -14.79 -9.81
N ILE C 38 -3.11 -13.67 -9.15
CA ILE C 38 -2.42 -12.52 -9.69
C ILE C 38 -1.40 -12.11 -8.64
N ARG C 39 -0.27 -11.59 -9.06
CA ARG C 39 0.66 -11.00 -8.10
C ARG C 39 1.06 -9.59 -8.47
N GLN C 40 1.45 -8.82 -7.46
CA GLN C 40 1.87 -7.44 -7.61
C GLN C 40 3.25 -7.30 -6.97
N PHE C 41 4.20 -6.89 -7.77
CA PHE C 41 5.58 -6.80 -7.33
C PHE C 41 5.81 -5.54 -6.52
N PRO C 42 6.92 -5.48 -5.79
CA PRO C 42 7.19 -4.27 -4.99
C PRO C 42 7.17 -2.98 -5.79
N GLY C 43 7.60 -3.00 -7.06
CA GLY C 43 7.51 -1.85 -7.93
C GLY C 43 6.14 -1.54 -8.51
N LYS C 44 5.13 -2.31 -8.10
CA LYS C 44 3.68 -2.14 -8.39
C LYS C 44 3.23 -2.77 -9.70
N GLY C 45 4.12 -3.41 -10.45
CA GLY C 45 3.67 -4.16 -11.62
C GLY C 45 2.77 -5.32 -11.24
N LEU C 46 1.80 -5.61 -12.10
CA LEU C 46 0.84 -6.69 -11.91
C LEU C 46 1.14 -7.79 -12.93
N GLU C 47 1.03 -9.03 -12.48
CA GLU C 47 1.25 -10.19 -13.34
C GLU C 47 0.22 -11.26 -13.07
N TRP C 48 -0.46 -11.71 -14.13
CA TRP C 48 -1.41 -12.80 -14.01
C TRP C 48 -0.66 -14.12 -13.96
N ILE C 49 -0.99 -14.96 -13.00
CA ILE C 49 -0.31 -16.24 -12.79
C ILE C 49 -1.03 -17.36 -13.49
N GLY C 50 -2.34 -17.47 -13.27
CA GLY C 50 -3.11 -18.53 -13.88
C GLY C 50 -4.49 -18.63 -13.28
N ASN C 51 -5.26 -19.60 -13.80
CA ASN C 51 -6.62 -19.78 -13.35
C ASN C 51 -6.99 -21.26 -13.36
N ILE C 52 -8.15 -21.55 -12.77
CA ILE C 52 -8.72 -22.88 -12.75
C ILE C 52 -10.23 -22.76 -12.82
N TYR C 53 -10.87 -23.62 -13.60
CA TYR C 53 -12.32 -23.58 -13.73
C TYR C 53 -12.98 -24.23 -12.52
N GLY C 54 -14.11 -23.67 -12.10
CA GLY C 54 -14.82 -24.23 -10.98
C GLY C 54 -15.50 -25.57 -11.26
N LYS C 55 -15.77 -25.89 -12.54
CA LYS C 55 -16.57 -27.05 -12.87
C LYS C 55 -15.81 -28.11 -13.65
N SER C 56 -14.50 -27.97 -13.82
CA SER C 56 -13.69 -28.98 -14.49
C SER C 56 -12.23 -28.77 -14.11
N ALA C 57 -11.37 -29.63 -14.63
CA ALA C 57 -9.93 -29.53 -14.40
C ALA C 57 -9.25 -28.44 -15.23
N SER C 58 -9.97 -27.77 -16.12
CA SER C 58 -9.40 -26.75 -17.02
C SER C 58 -8.59 -25.71 -16.25
N THR C 59 -7.36 -25.50 -16.70
CA THR C 59 -6.45 -24.52 -16.14
C THR C 59 -5.74 -23.79 -17.28
N TYR C 60 -5.42 -22.50 -17.05
CA TYR C 60 -4.55 -21.73 -17.94
C TYR C 60 -3.48 -21.08 -17.07
N TYR C 61 -2.24 -21.08 -17.57
CA TYR C 61 -1.11 -20.55 -16.82
C TYR C 61 -0.32 -19.56 -17.65
N ASN C 62 0.29 -18.59 -16.99
CA ASN C 62 1.22 -17.71 -17.68
C ASN C 62 2.42 -18.53 -18.12
N PRO C 63 2.79 -18.53 -19.41
CA PRO C 63 3.89 -19.39 -19.85
C PRO C 63 5.21 -19.04 -19.22
N SER C 64 5.37 -17.84 -18.67
CA SER C 64 6.63 -17.49 -18.04
C SER C 64 6.83 -18.22 -16.73
N LEU C 65 5.79 -18.89 -16.22
CA LEU C 65 5.80 -19.60 -14.96
C LEU C 65 5.36 -21.04 -15.09
N LYS C 66 4.90 -21.47 -16.27
CA LYS C 66 4.25 -22.76 -16.45
C LYS C 66 5.07 -23.92 -15.90
N SER C 67 6.40 -23.84 -15.94
CA SER C 67 7.23 -24.96 -15.50
C SER C 67 7.27 -25.13 -14.00
N ARG C 68 6.83 -24.13 -13.23
CA ARG C 68 6.96 -24.19 -11.78
C ARG C 68 5.70 -23.78 -11.03
N VAL C 69 4.55 -23.71 -11.70
CA VAL C 69 3.33 -23.31 -11.03
C VAL C 69 2.27 -24.40 -11.16
N SER C 70 1.44 -24.51 -10.13
CA SER C 70 0.31 -25.42 -10.12
C SER C 70 -0.83 -24.75 -9.38
N ILE C 71 -2.02 -24.78 -9.94
CA ILE C 71 -3.23 -24.29 -9.30
C ILE C 71 -4.18 -25.46 -9.19
N SER C 72 -4.80 -25.59 -8.02
CA SER C 72 -5.68 -26.71 -7.74
C SER C 72 -6.84 -26.20 -6.90
N LYS C 73 -7.84 -27.04 -6.67
CA LYS C 73 -8.98 -26.64 -5.85
C LYS C 73 -9.42 -27.79 -4.97
N ASP C 74 -10.10 -27.43 -3.87
CA ASP C 74 -10.72 -28.39 -2.94
C ASP C 74 -12.16 -27.91 -2.74
N THR C 75 -13.09 -28.45 -3.51
CA THR C 75 -14.46 -27.97 -3.45
C THR C 75 -15.19 -28.47 -2.21
N SER C 76 -14.61 -29.39 -1.43
CA SER C 76 -15.24 -29.78 -0.18
C SER C 76 -15.01 -28.71 0.90
N LYS C 77 -13.93 -27.96 0.78
CA LYS C 77 -13.61 -26.87 1.70
C LYS C 77 -13.94 -25.50 1.12
N ASN C 78 -14.34 -25.43 -0.15
CA ASN C 78 -14.55 -24.15 -0.82
C ASN C 78 -13.27 -23.33 -0.87
N GLN C 79 -12.18 -23.99 -1.26
CA GLN C 79 -10.88 -23.35 -1.36
C GLN C 79 -10.24 -23.64 -2.72
N PHE C 80 -9.34 -22.76 -3.13
CA PHE C 80 -8.42 -23.07 -4.23
C PHE C 80 -7.02 -22.64 -3.83
N PHE C 81 -6.03 -23.12 -4.57
CA PHE C 81 -4.66 -23.12 -4.09
C PHE C 81 -3.69 -22.72 -5.17
N LEU C 82 -2.59 -22.12 -4.73
CA LEU C 82 -1.46 -21.82 -5.60
C LEU C 82 -0.21 -22.48 -5.02
N LYS C 83 0.57 -23.14 -5.86
CA LYS C 83 1.90 -23.65 -5.51
C LYS C 83 2.87 -23.18 -6.58
N LEU C 84 3.93 -22.53 -6.14
CA LEU C 84 4.97 -21.99 -7.01
C LEU C 84 6.29 -22.55 -6.51
N SER C 85 6.95 -23.39 -7.32
CA SER C 85 8.15 -24.04 -6.85
C SER C 85 9.40 -23.28 -7.25
N SER C 86 10.52 -23.70 -6.67
CA SER C 86 11.84 -23.17 -6.98
C SER C 86 11.88 -21.65 -6.92
N VAL C 87 11.39 -21.09 -5.80
CA VAL C 87 11.23 -19.64 -5.75
C VAL C 87 12.58 -18.95 -5.55
N THR C 88 12.61 -17.69 -5.96
CA THR C 88 13.73 -16.80 -5.72
C THR C 88 13.18 -15.45 -5.26
N ALA C 89 14.12 -14.54 -4.91
CA ALA C 89 13.73 -13.20 -4.49
C ALA C 89 12.86 -12.49 -5.51
N ALA C 90 12.96 -12.85 -6.79
CA ALA C 90 12.10 -12.26 -7.81
C ALA C 90 10.62 -12.62 -7.64
N ASP C 91 10.31 -13.62 -6.82
CA ASP C 91 8.94 -13.99 -6.50
C ASP C 91 8.36 -13.27 -5.30
N THR C 92 9.11 -12.39 -4.65
CA THR C 92 8.58 -11.58 -3.58
C THR C 92 7.52 -10.66 -4.17
N ALA C 93 6.33 -10.66 -3.58
CA ALA C 93 5.19 -9.98 -4.17
C ALA C 93 4.01 -10.08 -3.23
N VAL C 94 2.96 -9.29 -3.54
CA VAL C 94 1.64 -9.50 -2.94
C VAL C 94 0.85 -10.39 -3.88
N TYR C 95 0.33 -11.47 -3.36
CA TYR C 95 -0.40 -12.47 -4.14
C TYR C 95 -1.89 -12.30 -3.86
N TYR C 96 -2.67 -12.13 -4.94
CA TYR C 96 -4.10 -11.98 -4.83
C TYR C 96 -4.82 -13.15 -5.50
N CYS C 97 -5.87 -13.61 -4.86
CA CYS C 97 -6.85 -14.46 -5.54
C CYS C 97 -8.02 -13.63 -6.03
N ALA C 98 -8.72 -14.14 -7.03
CA ALA C 98 -9.78 -13.35 -7.64
C ALA C 98 -10.72 -14.23 -8.43
N ARG C 99 -11.94 -13.77 -8.61
CA ARG C 99 -12.94 -14.45 -9.44
C ARG C 99 -13.17 -13.63 -10.70
N GLU C 100 -13.22 -14.29 -11.85
CA GLU C 100 -13.43 -13.54 -13.09
C GLU C 100 -14.85 -13.02 -13.18
N TYR C 101 -15.03 -12.09 -14.12
CA TYR C 101 -16.27 -11.35 -14.31
C TYR C 101 -17.21 -12.04 -15.27
N CYS C 102 -18.48 -12.13 -14.88
CA CYS C 102 -19.55 -12.55 -15.74
C CYS C 102 -20.66 -11.52 -15.67
N ILE C 103 -21.28 -11.25 -16.79
CA ILE C 103 -22.48 -10.41 -16.83
C ILE C 103 -23.50 -11.16 -17.68
N GLY C 104 -24.68 -11.42 -17.12
CA GLY C 104 -25.63 -12.28 -17.82
C GLY C 104 -24.94 -13.60 -18.10
N SER C 105 -24.99 -14.04 -19.36
CA SER C 105 -24.47 -15.34 -19.74
C SER C 105 -23.10 -15.26 -20.42
N THR C 106 -22.41 -14.14 -20.29
CA THR C 106 -21.10 -13.97 -20.92
C THR C 106 -20.04 -13.67 -19.87
N CYS C 107 -18.91 -14.36 -19.96
CA CYS C 107 -17.80 -14.14 -19.05
C CYS C 107 -16.54 -13.77 -19.82
N TYR C 108 -15.67 -13.02 -19.16
CA TYR C 108 -14.41 -12.54 -19.71
C TYR C 108 -13.34 -12.73 -18.66
N PRO C 109 -12.08 -12.98 -19.07
CA PRO C 109 -10.99 -13.18 -18.11
C PRO C 109 -10.43 -11.86 -17.60
N ILE C 110 -11.29 -11.11 -16.93
CA ILE C 110 -10.96 -9.91 -16.19
C ILE C 110 -11.53 -10.13 -14.78
N LEU C 111 -10.98 -9.42 -13.81
CA LEU C 111 -11.19 -9.76 -12.41
C LEU C 111 -12.12 -8.77 -11.75
N ASP C 112 -13.24 -9.30 -11.25
CA ASP C 112 -14.30 -8.60 -10.58
C ASP C 112 -14.10 -8.55 -9.07
N SER C 113 -13.94 -9.71 -8.45
CA SER C 113 -13.87 -9.82 -7.01
C SER C 113 -12.48 -10.31 -6.66
N TRP C 114 -11.82 -9.64 -5.73
CA TRP C 114 -10.46 -9.91 -5.36
C TRP C 114 -10.38 -10.15 -3.86
N GLY C 115 -9.39 -10.91 -3.45
CA GLY C 115 -9.00 -11.00 -2.06
C GLY C 115 -8.26 -9.75 -1.62
N GLN C 116 -7.72 -9.85 -0.41
CA GLN C 116 -7.05 -8.70 0.20
C GLN C 116 -5.56 -8.66 -0.10
N GLY C 117 -5.00 -9.75 -0.56
CA GLY C 117 -3.60 -9.83 -0.90
C GLY C 117 -2.80 -10.44 0.24
N ALA C 118 -1.99 -11.42 -0.11
CA ALA C 118 -1.06 -12.07 0.83
C ALA C 118 0.35 -11.62 0.49
N VAL C 119 1.03 -11.00 1.45
CA VAL C 119 2.39 -10.52 1.25
C VAL C 119 3.33 -11.70 1.46
N VAL C 120 4.16 -11.99 0.48
CA VAL C 120 5.10 -13.10 0.56
C VAL C 120 6.50 -12.60 0.17
N THR C 121 7.47 -12.85 1.03
CA THR C 121 8.86 -12.52 0.80
C THR C 121 9.67 -13.80 0.67
N VAL C 122 10.52 -13.84 -0.33
CA VAL C 122 11.44 -14.96 -0.52
C VAL C 122 12.81 -14.51 -0.05
N SER C 123 13.31 -15.14 1.00
CA SER C 123 14.56 -14.73 1.62
C SER C 123 15.08 -15.84 2.49
N SER C 124 16.41 -15.86 2.65
CA SER C 124 17.07 -16.75 3.57
C SER C 124 17.06 -16.24 5.01
N ALA C 125 16.69 -14.99 5.23
CA ALA C 125 16.73 -14.42 6.57
C ALA C 125 15.57 -14.95 7.41
N SER C 126 15.78 -14.96 8.72
CA SER C 126 14.78 -15.47 9.64
C SER C 126 13.73 -14.40 9.96
N THR C 127 12.54 -14.86 10.35
CA THR C 127 11.54 -13.93 10.83
CA THR C 127 11.52 -13.97 10.86
C THR C 127 11.98 -13.34 12.17
N LYS C 128 11.59 -12.09 12.38
CA LYS C 128 11.89 -11.36 13.60
C LYS C 128 10.70 -10.48 13.93
N GLY C 129 10.19 -10.61 15.13
CA GLY C 129 9.07 -9.79 15.55
C GLY C 129 9.53 -8.42 15.99
N PRO C 130 8.64 -7.44 15.92
CA PRO C 130 9.03 -6.06 16.22
C PRO C 130 9.06 -5.77 17.70
N SER C 131 9.85 -4.76 18.04
CA SER C 131 9.72 -4.06 19.31
C SER C 131 8.83 -2.84 19.06
N VAL C 132 7.96 -2.53 20.01
CA VAL C 132 7.04 -1.41 19.89
C VAL C 132 7.37 -0.40 20.99
N PHE C 133 7.59 0.84 20.60
CA PHE C 133 7.94 1.89 21.53
C PHE C 133 6.94 3.03 21.42
N PRO C 134 6.63 3.71 22.51
CA PRO C 134 5.71 4.85 22.41
C PRO C 134 6.37 6.07 21.81
N LEU C 135 5.60 6.81 21.02
CA LEU C 135 5.90 8.20 20.64
C LEU C 135 4.96 9.01 21.52
N ALA C 136 5.41 9.32 22.71
CA ALA C 136 4.51 9.85 23.72
C ALA C 136 4.19 11.31 23.45
N PRO C 137 2.94 11.73 23.65
CA PRO C 137 2.64 13.15 23.51
C PRO C 137 3.31 13.94 24.63
N SER C 138 3.72 15.15 24.29
CA SER C 138 4.34 16.06 25.24
C SER C 138 4.22 17.46 24.64
N SER C 139 4.74 18.46 25.38
CA SER C 139 4.74 19.81 24.82
C SER C 139 5.53 19.90 23.52
N LYS C 140 6.46 18.97 23.29
CA LYS C 140 7.27 18.93 22.07
C LYS C 140 6.45 18.45 20.88
N SER C 141 5.29 17.84 21.15
CA SER C 141 4.41 17.36 20.10
C SER C 141 3.02 17.94 20.25
N THR C 142 2.92 19.18 20.72
CA THR C 142 1.65 19.89 20.80
C THR C 142 1.80 21.23 20.11
N SER C 143 0.93 21.49 19.14
CA SER C 143 0.94 22.70 18.32
C SER C 143 -0.46 23.30 18.38
N GLY C 144 -0.57 24.50 18.94
CA GLY C 144 -1.88 25.04 19.19
C GLY C 144 -2.64 24.10 20.11
N GLY C 145 -3.88 23.83 19.76
CA GLY C 145 -4.66 22.91 20.57
C GLY C 145 -4.61 21.46 20.17
N THR C 146 -3.65 21.08 19.33
CA THR C 146 -3.56 19.72 18.80
C THR C 146 -2.30 19.03 19.28
N ALA C 147 -2.44 17.77 19.66
CA ALA C 147 -1.33 16.95 20.09
C ALA C 147 -1.14 15.78 19.13
N ALA C 148 0.10 15.41 18.90
CA ALA C 148 0.42 14.20 18.16
C ALA C 148 0.98 13.16 19.10
N LEU C 149 0.68 11.90 18.82
CA LEU C 149 1.21 10.77 19.57
C LEU C 149 1.29 9.61 18.59
N GLY C 150 1.98 8.54 19.00
CA GLY C 150 2.11 7.42 18.09
C GLY C 150 2.83 6.25 18.71
N CYS C 151 3.14 5.30 17.83
CA CYS C 151 3.92 4.12 18.18
CA CYS C 151 3.98 4.18 18.21
C CYS C 151 4.97 3.89 17.10
N LEU C 152 6.19 3.59 17.52
CA LEU C 152 7.31 3.21 16.66
C LEU C 152 7.43 1.70 16.71
N VAL C 153 7.34 1.06 15.56
CA VAL C 153 7.37 -0.39 15.43
C VAL C 153 8.67 -0.71 14.74
N LYS C 154 9.66 -1.16 15.49
CA LYS C 154 11.03 -1.25 15.00
C LYS C 154 11.53 -2.68 14.91
N ASP C 155 12.34 -2.92 13.87
CA ASP C 155 13.23 -4.07 13.78
C ASP C 155 12.47 -5.38 13.56
N TYR C 156 11.69 -5.47 12.48
CA TYR C 156 10.96 -6.68 12.19
C TYR C 156 11.26 -7.17 10.78
N PHE C 157 10.95 -8.44 10.56
CA PHE C 157 11.14 -9.05 9.24
C PHE C 157 10.28 -10.30 9.13
N PRO C 158 9.64 -10.55 7.98
CA PRO C 158 9.48 -9.72 6.79
C PRO C 158 8.28 -8.78 6.95
N GLU C 159 7.89 -8.07 5.89
CA GLU C 159 6.64 -7.34 5.90
C GLU C 159 5.44 -8.30 5.90
N PRO C 160 4.25 -7.83 6.33
CA PRO C 160 3.93 -6.51 6.83
C PRO C 160 3.64 -6.49 8.30
N VAL C 161 3.56 -5.27 8.84
CA VAL C 161 2.95 -4.98 10.12
C VAL C 161 1.70 -4.17 9.84
N THR C 162 0.63 -4.47 10.56
CA THR C 162 -0.56 -3.65 10.56
C THR C 162 -0.71 -2.96 11.91
N VAL C 163 -1.30 -1.78 11.90
CA VAL C 163 -1.53 -0.99 13.10
C VAL C 163 -2.94 -0.46 13.05
N SER C 164 -3.66 -0.60 14.15
CA SER C 164 -4.90 0.12 14.36
C SER C 164 -4.79 0.88 15.68
N TRP C 165 -5.74 1.76 15.94
CA TRP C 165 -5.81 2.50 17.19
C TRP C 165 -7.15 2.22 17.88
N ASN C 166 -7.09 1.96 19.18
CA ASN C 166 -8.29 1.75 19.99
C ASN C 166 -9.19 0.68 19.36
N SER C 167 -8.54 -0.40 18.90
CA SER C 167 -9.21 -1.55 18.30
C SER C 167 -10.06 -1.18 17.10
N GLY C 168 -9.63 -0.17 16.35
CA GLY C 168 -10.36 0.26 15.19
C GLY C 168 -11.35 1.38 15.45
N ALA C 169 -11.57 1.76 16.70
CA ALA C 169 -12.50 2.85 16.99
C ALA C 169 -11.93 4.22 16.64
N LEU C 170 -10.62 4.34 16.51
CA LEU C 170 -9.97 5.61 16.21
C LEU C 170 -9.33 5.48 14.83
N THR C 171 -9.91 6.17 13.84
CA THR C 171 -9.40 6.13 12.48
C THR C 171 -9.12 7.53 11.95
N SER C 172 -9.89 8.52 12.37
CA SER C 172 -9.69 9.89 11.89
CA SER C 172 -9.69 9.87 11.88
C SER C 172 -8.38 10.43 12.42
N GLY C 173 -7.58 11.01 11.53
CA GLY C 173 -6.32 11.58 11.93
C GLY C 173 -5.18 10.61 12.06
N VAL C 174 -5.40 9.32 11.81
CA VAL C 174 -4.34 8.33 11.91
C VAL C 174 -3.52 8.33 10.63
N HIS C 175 -2.20 8.27 10.77
CA HIS C 175 -1.30 8.06 9.65
C HIS C 175 -0.34 6.93 9.99
N THR C 176 -0.45 5.80 9.30
CA THR C 176 0.48 4.70 9.44
C THR C 176 1.42 4.74 8.26
N PHE C 177 2.68 4.98 8.53
CA PHE C 177 3.64 5.21 7.46
C PHE C 177 4.08 3.92 6.80
N PRO C 178 4.40 3.98 5.52
CA PRO C 178 5.08 2.85 4.89
C PRO C 178 6.36 2.51 5.64
N ALA C 179 6.68 1.23 5.72
CA ALA C 179 7.91 0.82 6.36
C ALA C 179 9.12 1.25 5.56
N VAL C 180 10.22 1.45 6.28
CA VAL C 180 11.52 1.67 5.68
C VAL C 180 12.39 0.47 5.99
N LEU C 181 13.28 0.14 5.07
CA LEU C 181 14.27 -0.90 5.30
C LEU C 181 15.52 -0.24 5.87
N GLN C 182 15.91 -0.69 7.04
CA GLN C 182 17.06 -0.12 7.73
C GLN C 182 18.35 -0.76 7.25
N SER C 183 19.48 -0.14 7.63
CA SER C 183 20.78 -0.70 7.29
C SER C 183 20.94 -2.14 7.76
N SER C 184 20.30 -2.48 8.88
CA SER C 184 20.39 -3.81 9.45
C SER C 184 19.64 -4.87 8.65
N GLY C 185 18.91 -4.49 7.61
CA GLY C 185 18.07 -5.43 6.90
C GLY C 185 16.72 -5.69 7.54
N LEU C 186 16.40 -5.00 8.62
CA LEU C 186 15.12 -5.09 9.29
C LEU C 186 14.28 -3.87 8.94
N TYR C 187 12.98 -4.05 8.98
CA TYR C 187 12.05 -2.95 8.68
C TYR C 187 11.68 -2.21 9.94
N SER C 188 11.23 -0.97 9.76
CA SER C 188 10.70 -0.13 10.83
CA SER C 188 10.67 -0.17 10.84
C SER C 188 9.58 0.73 10.26
N LEU C 189 8.56 0.98 11.06
CA LEU C 189 7.57 1.98 10.70
C LEU C 189 7.05 2.68 11.94
N SER C 190 6.35 3.78 11.72
CA SER C 190 5.65 4.48 12.79
CA SER C 190 5.63 4.42 12.81
C SER C 190 4.19 4.65 12.39
N SER C 191 3.32 4.73 13.40
CA SER C 191 1.93 5.10 13.23
C SER C 191 1.64 6.24 14.19
N VAL C 192 1.04 7.32 13.69
CA VAL C 192 0.76 8.49 14.51
C VAL C 192 -0.70 8.86 14.37
N VAL C 193 -1.17 9.64 15.35
CA VAL C 193 -2.51 10.21 15.32
C VAL C 193 -2.42 11.58 15.93
N THR C 194 -3.23 12.50 15.42
CA THR C 194 -3.41 13.80 16.06
C THR C 194 -4.78 13.88 16.70
N VAL C 195 -4.84 14.50 17.88
CA VAL C 195 -6.04 14.55 18.70
C VAL C 195 -6.07 15.90 19.41
N PRO C 196 -7.16 16.31 20.02
CA PRO C 196 -7.14 17.53 20.83
C PRO C 196 -6.21 17.34 22.01
N SER C 197 -5.38 18.35 22.28
CA SER C 197 -4.51 18.27 23.45
C SER C 197 -5.32 18.07 24.73
N SER C 198 -6.50 18.68 24.81
CA SER C 198 -7.36 18.55 25.98
C SER C 198 -7.86 17.14 26.20
N SER C 199 -7.76 16.27 25.19
CA SER C 199 -8.20 14.89 25.35
C SER C 199 -7.15 14.01 26.02
N LEU C 200 -5.90 14.47 26.18
CA LEU C 200 -4.88 13.57 26.69
C LEU C 200 -5.17 13.14 28.13
N GLY C 201 -5.82 13.97 28.90
CA GLY C 201 -6.21 13.55 30.24
C GLY C 201 -7.56 12.89 30.36
N THR C 202 -8.30 12.75 29.25
CA THR C 202 -9.68 12.29 29.31
C THR C 202 -10.01 11.17 28.33
N GLN C 203 -9.02 10.66 27.59
CA GLN C 203 -9.21 9.59 26.62
C GLN C 203 -7.95 8.72 26.65
N THR C 204 -8.14 7.42 26.45
CA THR C 204 -7.03 6.48 26.38
C THR C 204 -6.73 6.18 24.93
N TYR C 205 -5.44 6.15 24.58
CA TYR C 205 -4.98 5.87 23.22
C TYR C 205 -4.08 4.64 23.23
N ILE C 206 -4.48 3.61 22.48
CA ILE C 206 -3.79 2.33 22.42
C ILE C 206 -3.53 1.98 20.97
N CYS C 207 -2.28 1.68 20.64
CA CYS C 207 -1.95 1.21 19.32
CA CYS C 207 -1.91 1.21 19.31
C CYS C 207 -1.87 -0.30 19.32
N ASN C 208 -2.56 -0.93 18.35
CA ASN C 208 -2.70 -2.38 18.24
C ASN C 208 -1.84 -2.78 17.04
N VAL C 209 -0.76 -3.51 17.31
CA VAL C 209 0.23 -3.87 16.30
C VAL C 209 0.17 -5.37 16.07
N ASN C 210 0.15 -5.78 14.80
CA ASN C 210 0.15 -7.20 14.47
C ASN C 210 1.23 -7.46 13.44
N HIS C 211 2.09 -8.43 13.72
CA HIS C 211 3.07 -8.94 12.78
C HIS C 211 2.81 -10.42 12.65
N LYS C 212 1.99 -10.81 11.68
CA LYS C 212 1.59 -12.20 11.55
C LYS C 212 2.75 -13.15 11.27
N PRO C 213 3.77 -12.78 10.50
CA PRO C 213 4.86 -13.75 10.25
C PRO C 213 5.57 -14.26 11.49
N SER C 214 5.63 -13.46 12.57
CA SER C 214 6.23 -13.88 13.82
C SER C 214 5.20 -14.21 14.89
N ASN C 215 3.91 -14.20 14.54
CA ASN C 215 2.84 -14.36 15.52
C ASN C 215 2.94 -13.36 16.66
N THR C 216 3.27 -12.12 16.34
CA THR C 216 3.45 -11.07 17.34
C THR C 216 2.24 -10.15 17.31
N LYS C 217 1.57 -9.99 18.45
CA LYS C 217 0.51 -9.00 18.61
C LYS C 217 0.83 -8.20 19.88
N VAL C 218 0.74 -6.89 19.78
CA VAL C 218 1.04 -5.98 20.88
C VAL C 218 -0.05 -4.91 20.94
N ASP C 219 -0.52 -4.60 22.15
CA ASP C 219 -1.35 -3.43 22.42
C ASP C 219 -0.57 -2.54 23.35
N LYS C 220 -0.29 -1.32 22.91
CA LYS C 220 0.50 -0.38 23.69
C LYS C 220 -0.32 0.87 23.98
N ARG C 221 -0.57 1.12 25.25
CA ARG C 221 -1.21 2.37 25.69
C ARG C 221 -0.14 3.46 25.72
N VAL C 222 -0.38 4.55 24.99
CA VAL C 222 0.56 5.65 24.84
C VAL C 222 0.02 6.83 25.65
N GLU C 223 0.81 7.31 26.61
CA GLU C 223 0.40 8.33 27.55
C GLU C 223 1.49 9.37 27.65
N PRO C 224 1.17 10.59 28.12
CA PRO C 224 2.23 11.57 28.37
C PRO C 224 3.22 11.02 29.39
N LYS C 225 4.49 11.38 29.21
CA LYS C 225 5.58 10.91 30.06
C LYS C 225 5.35 11.34 31.51
C1 NAG D . -13.05 -6.83 -33.84
C2 NAG D . -12.99 -7.49 -35.20
C3 NAG D . -14.18 -7.05 -36.04
C4 NAG D . -15.49 -7.25 -35.29
C5 NAG D . -15.39 -6.68 -33.87
C6 NAG D . -16.57 -7.03 -33.00
C7 NAG D . -10.92 -8.03 -36.42
C8 NAG D . -9.66 -7.47 -37.02
N2 NAG D . -11.75 -7.14 -35.86
O3 NAG D . -14.22 -7.84 -37.22
O4 NAG D . -16.52 -6.50 -35.95
O5 NAG D . -14.22 -7.17 -33.21
O6 NAG D . -16.58 -6.23 -31.83
O7 NAG D . -11.17 -9.23 -36.43
H1 NAG D . -13.03 -5.85 -33.96
H2 NAG D . -13.04 -8.46 -35.09
H3 NAG D . -14.07 -6.10 -36.27
H4 NAG D . -15.69 -8.20 -35.26
H5 NAG D . -15.32 -5.71 -33.95
H61 NAG D . -16.51 -7.98 -32.75
H62 NAG D . -17.40 -6.90 -33.51
H81 NAG D . -9.07 -7.15 -36.31
H82 NAG D . -9.21 -8.16 -37.53
H83 NAG D . -9.89 -6.71 -37.61
HN2 NAG D . -11.51 -6.25 -35.90
HO3 NAG D . -14.31 -7.32 -37.93
C1 NAG D . -17.29 -7.26 -36.93
C2 NAG D . -18.63 -6.56 -37.02
C3 NAG D . -19.49 -7.20 -38.11
C4 NAG D . -18.73 -7.39 -39.41
C5 NAG D . -17.37 -8.02 -39.16
C6 NAG D . -16.50 -8.01 -40.40
C7 NAG D . -19.59 -5.51 -35.00
C8 NAG D . -20.32 -5.75 -33.71
N2 NAG D . -19.33 -6.60 -35.74
O3 NAG D . -20.60 -6.33 -38.36
O4 NAG D . -19.47 -8.27 -40.26
O5 NAG D . -16.67 -7.27 -38.17
O6 NAG D . -16.41 -6.69 -40.93
O7 NAG D . -19.24 -4.39 -35.37
H2 NAG D . -18.47 -5.63 -37.27
H3 NAG D . -19.79 -8.08 -37.80
H4 NAG D . -18.62 -6.51 -39.82
H5 NAG D . -17.50 -8.94 -38.85
H61 NAG D . -16.89 -8.60 -41.07
H62 NAG D . -15.60 -8.33 -40.17
H81 NAG D . -20.39 -6.71 -33.56
H82 NAG D . -21.22 -5.37 -33.78
H83 NAG D . -19.84 -5.32 -32.99
HN2 NAG D . -19.60 -7.41 -35.42
HO3 NAG D . -20.92 -6.03 -37.59
HO6 NAG D . -17.04 -6.57 -41.54
C1 BMA D . -19.89 -7.66 -41.49
C2 BMA D . -20.21 -8.81 -42.46
C3 BMA D . -20.78 -8.24 -43.76
C4 BMA D . -21.96 -7.29 -43.50
C5 BMA D . -21.64 -6.21 -42.42
C6 BMA D . -22.90 -5.47 -41.95
O2 BMA D . -21.19 -9.68 -41.93
O3 BMA D . -21.16 -9.29 -44.65
O4 BMA D . -22.30 -6.63 -44.73
O5 BMA D . -21.03 -6.83 -41.26
O6 BMA D . -22.57 -4.10 -41.66
C1 FUC D . -17.35 -5.03 -32.09
C2 FUC D . -17.59 -4.33 -30.72
C3 FUC D . -16.36 -3.52 -30.26
C4 FUC D . -15.88 -2.58 -31.38
C5 FUC D . -15.50 -3.44 -32.59
C6 FUC D . -14.96 -2.66 -33.78
O2 FUC D . -17.98 -5.29 -29.72
O3 FUC D . -16.74 -2.71 -29.15
O4 FUC D . -16.89 -1.64 -31.74
O5 FUC D . -16.69 -4.17 -33.03
H2 FUC D . -18.41 -3.62 -30.87
H3 FUC D . -15.56 -4.22 -30.00
H4 FUC D . -14.99 -2.03 -31.03
H5 FUC D . -14.73 -4.15 -32.27
H61 FUC D . -15.76 -2.05 -34.23
H62 FUC D . -14.15 -2.00 -33.45
H63 FUC D . -14.58 -3.35 -34.53
HO2 FUC D . -18.93 -5.17 -29.58
HO3 FUC D . -15.99 -2.75 -28.53
HO4 FUC D . -16.51 -0.77 -31.54
#